data_7NMZ
#
_entry.id   7NMZ
#
_cell.length_a   117.860
_cell.length_b   58.950
_cell.length_c   106.760
_cell.angle_alpha   90.000
_cell.angle_beta   90.693
_cell.angle_gamma   90.000
#
_symmetry.space_group_name_H-M   'C 1 2 1'
#
loop_
_entity.id
_entity.type
_entity.pdbx_description
1 polymer '14-3-3 protein eta'
2 polymer 'E3 ubiquitin-protein ligase NEDD4-like'
3 water water
#
loop_
_entity_poly.entity_id
_entity_poly.type
_entity_poly.pdbx_seq_one_letter_code
_entity_poly.pdbx_strand_id
1 'polypeptide(L)'
;GHMGDREQLLQRARLAEQAERYDDMASAMKAVTELNEPLSNEDRNLLSVAYKNVVGARRSSWRVISSIEQKTMADGNEKK
LEKVKAYREKIEKELETVCNDVLSLLDKFLIKNCNDFQYESKVFYLKMKGDYYRYLAEVASGEKKNSVVEASEAAYKEAF
EISKEQMQPTHPIRLGLALNFSVFYYEIQNAPEQACLLAKQAFDDAIAELDTLNEDSYKDSTLIMQLLRDNLTLWT
;
AA,BA
2 'polypeptide(L)'
;GAMGSSRLRSC(SEP)VTDAVAEQGHLPPPSAPAGRARSSAVTGGEEPTPSVAYVHTTPGLPSGWEERKDAKGRTYYVNH
NNRTTTWTRPIMQLAEDGASGSATNSNNHLIEPQIRRPRSL(SEP)SPTVTLS
;
C
#
# COMPACT_ATOMS: atom_id res chain seq x y z
N GLY A 1 -18.72 -26.61 8.91
CA GLY A 1 -18.10 -26.03 10.08
C GLY A 1 -16.95 -25.09 9.76
N HIS A 2 -15.80 -25.29 10.43
CA HIS A 2 -14.64 -24.46 10.16
C HIS A 2 -14.13 -24.61 8.73
N MET A 3 -14.49 -25.68 8.05
CA MET A 3 -14.10 -25.89 6.67
C MET A 3 -15.08 -25.26 5.68
N GLY A 4 -16.16 -24.65 6.15
CA GLY A 4 -17.13 -24.07 5.25
C GLY A 4 -16.57 -22.88 4.49
N ASP A 5 -17.22 -22.57 3.36
CA ASP A 5 -16.77 -21.45 2.54
C ASP A 5 -16.74 -20.16 3.34
N ARG A 6 -17.84 -19.86 4.04
CA ARG A 6 -17.94 -18.59 4.77
C ARG A 6 -16.85 -18.46 5.82
N GLU A 7 -16.61 -19.52 6.59
CA GLU A 7 -15.63 -19.47 7.67
C GLU A 7 -14.22 -19.28 7.12
N GLN A 8 -13.87 -20.00 6.05
CA GLN A 8 -12.53 -19.87 5.49
C GLN A 8 -12.32 -18.49 4.86
N LEU A 9 -13.33 -17.97 4.17
CA LEU A 9 -13.19 -16.67 3.53
C LEU A 9 -13.09 -15.55 4.56
N LEU A 10 -13.90 -15.62 5.62
CA LEU A 10 -13.82 -14.62 6.67
C LEU A 10 -12.45 -14.66 7.35
N GLN A 11 -11.94 -15.87 7.60
CA GLN A 11 -10.61 -15.99 8.19
C GLN A 11 -9.56 -15.39 7.27
N ARG A 12 -9.68 -15.63 5.96
CA ARG A 12 -8.73 -15.05 5.01
C ARG A 12 -8.82 -13.53 5.03
N ALA A 13 -10.04 -12.97 5.06
CA ALA A 13 -10.19 -11.53 5.06
C ALA A 13 -9.58 -10.91 6.32
N ARG A 14 -9.80 -11.52 7.48
CA ARG A 14 -9.22 -10.99 8.71
C ARG A 14 -7.69 -11.04 8.66
N LEU A 15 -7.12 -12.14 8.14
CA LEU A 15 -5.68 -12.21 7.98
C LEU A 15 -5.18 -11.19 6.96
N ALA A 16 -5.90 -11.02 5.86
CA ALA A 16 -5.49 -10.06 4.84
C ALA A 16 -5.48 -8.65 5.41
N GLU A 17 -6.46 -8.32 6.25
CA GLU A 17 -6.46 -7.00 6.87
C GLU A 17 -5.21 -6.78 7.72
N GLN A 18 -4.84 -7.78 8.53
CA GLN A 18 -3.64 -7.68 9.36
C GLN A 18 -2.40 -7.45 8.50
N ALA A 19 -2.33 -8.10 7.34
CA ALA A 19 -1.18 -7.99 6.45
C ALA A 19 -1.24 -6.76 5.57
N GLU A 20 -2.30 -5.95 5.70
CA GLU A 20 -2.52 -4.79 4.86
C GLU A 20 -2.51 -5.18 3.38
N ARG A 21 -3.11 -6.33 3.09
CA ARG A 21 -3.29 -6.82 1.72
C ARG A 21 -4.77 -6.71 1.41
N TYR A 22 -5.18 -5.51 0.99
CA TYR A 22 -6.60 -5.20 0.91
C TYR A 22 -7.25 -5.74 -0.35
N ASP A 23 -6.49 -5.97 -1.42
CA ASP A 23 -7.04 -6.67 -2.58
C ASP A 23 -7.47 -8.08 -2.19
N ASP A 24 -6.62 -8.80 -1.44
CA ASP A 24 -7.01 -10.10 -0.91
C ASP A 24 -8.23 -9.98 -0.01
N MET A 25 -8.24 -8.97 0.86
CA MET A 25 -9.33 -8.82 1.81
C MET A 25 -10.65 -8.56 1.09
N ALA A 26 -10.63 -7.68 0.09
CA ALA A 26 -11.86 -7.36 -0.62
C ALA A 26 -12.37 -8.56 -1.42
N SER A 27 -11.45 -9.28 -2.06
CA SER A 27 -11.85 -10.46 -2.83
C SER A 27 -12.48 -11.51 -1.92
N ALA A 28 -11.92 -11.72 -0.73
CA ALA A 28 -12.52 -12.65 0.23
C ALA A 28 -13.90 -12.17 0.68
N MET A 29 -14.04 -10.88 0.99
CA MET A 29 -15.34 -10.37 1.42
C MET A 29 -16.34 -10.35 0.29
N LYS A 30 -15.89 -10.15 -0.94
CA LYS A 30 -16.79 -10.25 -2.10
C LYS A 30 -17.36 -11.66 -2.20
N ALA A 31 -16.52 -12.68 -1.98
CA ALA A 31 -17.00 -14.05 -2.00
C ALA A 31 -17.92 -14.37 -0.83
N VAL A 32 -17.69 -13.76 0.33
CA VAL A 32 -18.61 -13.96 1.45
C VAL A 32 -19.99 -13.43 1.09
N THR A 33 -20.03 -12.23 0.51
CA THR A 33 -21.31 -11.62 0.13
C THR A 33 -22.06 -12.49 -0.88
N GLU A 34 -21.35 -13.06 -1.85
CA GLU A 34 -21.96 -13.84 -2.91
C GLU A 34 -22.60 -15.13 -2.39
N LEU A 35 -22.35 -15.51 -1.14
CA LEU A 35 -23.03 -16.63 -0.52
C LEU A 35 -24.51 -16.36 -0.28
N ASN A 36 -24.95 -15.11 -0.48
CA ASN A 36 -26.36 -14.72 -0.38
C ASN A 36 -26.91 -14.81 1.04
N GLU A 37 -26.05 -14.75 2.03
CA GLU A 37 -26.46 -14.67 3.43
C GLU A 37 -26.24 -13.26 3.95
N PRO A 38 -27.03 -12.80 4.92
CA PRO A 38 -26.84 -11.44 5.44
C PRO A 38 -25.48 -11.28 6.09
N LEU A 39 -24.98 -10.05 6.09
CA LEU A 39 -23.71 -9.72 6.70
C LEU A 39 -23.95 -9.13 8.09
N SER A 40 -23.20 -9.62 9.07
CA SER A 40 -23.25 -9.03 10.39
C SER A 40 -22.60 -7.64 10.36
N ASN A 41 -22.64 -6.96 11.51
CA ASN A 41 -22.01 -5.65 11.60
C ASN A 41 -20.50 -5.76 11.40
N GLU A 42 -19.87 -6.79 11.98
CA GLU A 42 -18.44 -7.01 11.75
C GLU A 42 -18.16 -7.33 10.29
N ASP A 43 -18.94 -8.24 9.68
CA ASP A 43 -18.72 -8.58 8.28
C ASP A 43 -18.91 -7.37 7.39
N ARG A 44 -19.95 -6.57 7.67
CA ARG A 44 -20.18 -5.34 6.93
C ARG A 44 -18.98 -4.41 7.02
N ASN A 45 -18.39 -4.30 8.22
CA ASN A 45 -17.21 -3.48 8.40
C ASN A 45 -16.01 -4.03 7.62
N LEU A 46 -15.80 -5.34 7.65
CA LEU A 46 -14.70 -5.92 6.88
C LEU A 46 -14.85 -5.64 5.39
N LEU A 47 -16.07 -5.80 4.86
CA LEU A 47 -16.29 -5.53 3.45
C LEU A 47 -16.04 -4.07 3.13
N SER A 48 -16.55 -3.17 3.96
CA SER A 48 -16.40 -1.74 3.72
C SER A 48 -14.94 -1.31 3.85
N VAL A 49 -14.25 -1.78 4.89
CA VAL A 49 -12.84 -1.43 5.08
C VAL A 49 -12.00 -1.93 3.90
N ALA A 50 -12.28 -3.13 3.43
CA ALA A 50 -11.51 -3.71 2.33
C ALA A 50 -11.64 -2.88 1.06
N TYR A 51 -12.86 -2.56 0.65
CA TYR A 51 -13.05 -1.85 -0.61
C TYR A 51 -12.70 -0.37 -0.50
N LYS A 52 -12.82 0.21 0.70
CA LYS A 52 -12.37 1.60 0.88
C LYS A 52 -10.88 1.73 0.59
N ASN A 53 -10.09 0.78 1.08
CA ASN A 53 -8.66 0.83 0.82
C ASN A 53 -8.35 0.52 -0.64
N VAL A 54 -9.06 -0.44 -1.23
CA VAL A 54 -8.78 -0.82 -2.61
C VAL A 54 -9.10 0.33 -3.56
N VAL A 55 -10.31 0.90 -3.45
CA VAL A 55 -10.65 1.98 -4.35
C VAL A 55 -9.81 3.22 -4.01
N GLY A 56 -9.47 3.40 -2.73
CA GLY A 56 -8.73 4.59 -2.33
C GLY A 56 -7.33 4.65 -2.92
N ALA A 57 -6.67 3.49 -3.02
CA ALA A 57 -5.37 3.45 -3.68
C ALA A 57 -5.50 3.83 -5.15
N ARG A 58 -6.53 3.33 -5.83
CA ARG A 58 -6.72 3.68 -7.24
C ARG A 58 -7.07 5.15 -7.39
N ARG A 59 -7.93 5.68 -6.52
CA ARG A 59 -8.27 7.10 -6.57
C ARG A 59 -7.02 7.97 -6.39
N SER A 60 -6.19 7.63 -5.40
CA SER A 60 -4.98 8.41 -5.17
C SER A 60 -4.04 8.35 -6.37
N SER A 61 -3.86 7.16 -6.95
CA SER A 61 -3.03 7.03 -8.13
C SER A 61 -3.65 7.76 -9.32
N TRP A 62 -4.98 7.71 -9.45
CA TRP A 62 -5.64 8.38 -10.56
C TRP A 62 -5.43 9.89 -10.49
N ARG A 63 -5.60 10.47 -9.31
CA ARG A 63 -5.47 11.91 -9.17
C ARG A 63 -4.05 12.36 -9.45
N VAL A 64 -3.06 11.59 -9.02
CA VAL A 64 -1.66 11.93 -9.30
C VAL A 64 -1.40 11.89 -10.81
N ILE A 65 -1.83 10.82 -11.48
CA ILE A 65 -1.57 10.70 -12.91
C ILE A 65 -2.42 11.71 -13.70
N SER A 66 -3.68 11.91 -13.28
CA SER A 66 -4.53 12.89 -13.95
C SER A 66 -3.97 14.29 -13.82
N SER A 67 -3.39 14.61 -12.65
CA SER A 67 -2.75 15.91 -12.47
C SER A 67 -1.60 16.09 -13.45
N ILE A 68 -0.81 15.05 -13.66
CA ILE A 68 0.27 15.12 -14.64
C ILE A 68 -0.29 15.25 -16.05
N GLU A 69 -1.43 14.61 -16.33
CA GLU A 69 -2.07 14.76 -17.63
C GLU A 69 -2.44 16.21 -17.90
N GLN A 70 -2.86 16.94 -16.86
CA GLN A 70 -3.18 18.35 -17.03
C GLN A 70 -1.94 19.16 -17.36
N LYS A 71 -0.86 18.98 -16.58
CA LYS A 71 0.37 19.73 -16.83
C LYS A 71 0.98 19.36 -18.18
N THR A 72 0.99 18.06 -18.52
CA THR A 72 1.52 17.64 -19.81
C THR A 72 0.66 18.14 -20.97
N MET A 73 -0.64 18.33 -20.74
CA MET A 73 -1.49 18.91 -21.78
C MET A 73 -1.18 20.38 -21.97
N ALA A 74 -1.05 21.12 -20.87
CA ALA A 74 -0.69 22.54 -20.96
C ALA A 74 0.72 22.71 -21.51
N ASP A 75 1.65 21.84 -21.09
CA ASP A 75 3.01 21.91 -21.61
C ASP A 75 3.08 21.53 -23.09
N GLY A 76 2.14 20.71 -23.55
CA GLY A 76 2.08 20.35 -24.96
C GLY A 76 3.18 19.42 -25.44
N ASN A 77 3.19 18.18 -24.97
CA ASN A 77 4.12 17.15 -25.43
C ASN A 77 3.29 15.95 -25.85
N GLU A 78 2.94 15.88 -27.14
CA GLU A 78 2.06 14.83 -27.62
C GLU A 78 2.67 13.45 -27.46
N LYS A 79 3.99 13.33 -27.66
CA LYS A 79 4.66 12.04 -27.48
C LYS A 79 4.59 11.59 -26.03
N LYS A 80 4.50 12.52 -25.08
CA LYS A 80 4.38 12.20 -23.66
C LYS A 80 2.93 12.18 -23.18
N LEU A 81 2.10 13.11 -23.66
CA LEU A 81 0.73 13.20 -23.18
C LEU A 81 -0.08 11.96 -23.57
N GLU A 82 0.19 11.40 -24.75
CA GLU A 82 -0.55 10.22 -25.19
C GLU A 82 -0.30 9.04 -24.26
N LYS A 83 0.96 8.83 -23.85
CA LYS A 83 1.26 7.73 -22.96
C LYS A 83 0.77 7.99 -21.54
N VAL A 84 0.80 9.25 -21.09
CA VAL A 84 0.30 9.59 -19.76
C VAL A 84 -1.19 9.31 -19.67
N LYS A 85 -1.95 9.75 -20.67
CA LYS A 85 -3.39 9.48 -20.67
C LYS A 85 -3.67 7.99 -20.78
N ALA A 86 -2.83 7.24 -21.48
CA ALA A 86 -3.00 5.80 -21.55
C ALA A 86 -2.82 5.16 -20.19
N TYR A 87 -1.83 5.64 -19.41
CA TYR A 87 -1.62 5.10 -18.08
C TYR A 87 -2.79 5.41 -17.15
N ARG A 88 -3.32 6.63 -17.24
CA ARG A 88 -4.46 7.00 -16.42
C ARG A 88 -5.68 6.14 -16.75
N GLU A 89 -5.91 5.91 -18.04
CA GLU A 89 -7.06 5.09 -18.44
C GLU A 89 -6.93 3.67 -17.91
N LYS A 90 -5.70 3.14 -17.88
CA LYS A 90 -5.48 1.83 -17.26
C LYS A 90 -5.85 1.87 -15.79
N ILE A 91 -5.51 2.98 -15.11
CA ILE A 91 -5.89 3.13 -13.71
C ILE A 91 -7.40 3.29 -13.58
N GLU A 92 -8.02 4.05 -14.50
CA GLU A 92 -9.47 4.23 -14.46
C GLU A 92 -10.19 2.90 -14.58
N LYS A 93 -9.74 2.05 -15.50
CA LYS A 93 -10.39 0.78 -15.75
C LYS A 93 -10.31 -0.11 -14.52
N GLU A 94 -9.16 -0.10 -13.83
CA GLU A 94 -9.09 -0.78 -12.54
C GLU A 94 -10.08 -0.17 -11.56
N LEU A 95 -10.17 1.16 -11.54
CA LEU A 95 -11.05 1.85 -10.60
C LEU A 95 -12.52 1.55 -10.89
N GLU A 96 -12.90 1.53 -12.17
CA GLU A 96 -14.30 1.27 -12.52
C GLU A 96 -14.69 -0.16 -12.24
N THR A 97 -13.78 -1.11 -12.47
CA THR A 97 -14.06 -2.50 -12.12
C THR A 97 -14.34 -2.65 -10.64
N VAL A 98 -13.53 -1.99 -9.80
CA VAL A 98 -13.71 -2.09 -8.35
C VAL A 98 -15.06 -1.51 -7.95
N CYS A 99 -15.39 -0.32 -8.46
CA CYS A 99 -16.68 0.29 -8.13
C CYS A 99 -17.84 -0.55 -8.63
N ASN A 100 -17.74 -1.07 -9.85
CA ASN A 100 -18.79 -1.91 -10.40
C ASN A 100 -18.93 -3.21 -9.61
N ASP A 101 -17.82 -3.78 -9.14
CA ASP A 101 -17.91 -4.94 -8.27
C ASP A 101 -18.72 -4.62 -7.02
N VAL A 102 -18.43 -3.49 -6.38
CA VAL A 102 -19.14 -3.10 -5.16
C VAL A 102 -20.62 -2.91 -5.46
N LEU A 103 -20.93 -2.15 -6.50
CA LEU A 103 -22.32 -1.84 -6.81
C LEU A 103 -23.10 -3.11 -7.17
N SER A 104 -22.45 -4.05 -7.86
CA SER A 104 -23.10 -5.33 -8.14
C SER A 104 -23.42 -6.08 -6.84
N LEU A 105 -22.48 -6.08 -5.89
CA LEU A 105 -22.74 -6.73 -4.60
C LEU A 105 -23.90 -6.06 -3.88
N LEU A 106 -23.92 -4.74 -3.87
CA LEU A 106 -25.01 -4.01 -3.21
C LEU A 106 -26.33 -4.29 -3.90
N ASP A 107 -26.35 -4.23 -5.24
CA ASP A 107 -27.62 -4.36 -5.96
C ASP A 107 -28.14 -5.78 -5.93
N LYS A 108 -27.26 -6.77 -6.06
CA LYS A 108 -27.73 -8.14 -6.14
C LYS A 108 -27.85 -8.84 -4.79
N PHE A 109 -27.06 -8.48 -3.80
CA PHE A 109 -27.12 -9.19 -2.52
C PHE A 109 -27.50 -8.30 -1.35
N LEU A 110 -26.76 -7.21 -1.11
CA LEU A 110 -26.81 -6.52 0.18
C LEU A 110 -28.10 -5.72 0.35
N ILE A 111 -28.38 -4.80 -0.59
CA ILE A 111 -29.63 -4.05 -0.53
C ILE A 111 -30.82 -4.97 -0.76
N LYS A 112 -30.65 -5.97 -1.63
CA LYS A 112 -31.75 -6.85 -2.00
C LYS A 112 -32.35 -7.56 -0.79
N ASN A 113 -31.50 -8.14 0.07
CA ASN A 113 -31.94 -8.98 1.19
C ASN A 113 -32.30 -8.20 2.45
N CYS A 114 -32.11 -6.88 2.47
CA CYS A 114 -32.52 -6.09 3.63
C CYS A 114 -34.03 -6.17 3.82
N ASN A 115 -34.44 -6.60 5.00
CA ASN A 115 -35.84 -6.50 5.36
C ASN A 115 -36.19 -5.04 5.64
N ASP A 116 -37.47 -4.72 5.51
CA ASP A 116 -37.91 -3.35 5.69
C ASP A 116 -37.65 -2.82 7.09
N PHE A 117 -37.51 -3.70 8.08
CA PHE A 117 -37.22 -3.27 9.44
C PHE A 117 -35.72 -3.13 9.71
N GLN A 118 -34.87 -3.45 8.73
CA GLN A 118 -33.42 -3.34 8.89
C GLN A 118 -32.95 -1.99 8.37
N TYR A 119 -33.39 -0.94 9.08
CA TYR A 119 -33.12 0.42 8.64
C TYR A 119 -31.62 0.73 8.66
N GLU A 120 -30.92 0.28 9.69
CA GLU A 120 -29.48 0.52 9.78
C GLU A 120 -28.75 -0.06 8.56
N SER A 121 -29.08 -1.29 8.20
CA SER A 121 -28.43 -1.92 7.05
C SER A 121 -28.74 -1.17 5.76
N LYS A 122 -30.01 -0.79 5.57
CA LYS A 122 -30.37 -0.09 4.34
C LYS A 122 -29.66 1.24 4.23
N VAL A 123 -29.61 2.01 5.32
CA VAL A 123 -28.90 3.29 5.28
C VAL A 123 -27.43 3.06 4.97
N PHE A 124 -26.83 2.06 5.61
CA PHE A 124 -25.42 1.75 5.39
C PHE A 124 -25.16 1.40 3.92
N TYR A 125 -25.97 0.50 3.36
CA TYR A 125 -25.72 0.03 2.00
C TYR A 125 -26.09 1.09 0.98
N LEU A 126 -27.18 1.83 1.21
CA LEU A 126 -27.55 2.88 0.27
C LEU A 126 -26.51 3.99 0.25
N LYS A 127 -25.97 4.34 1.42
CA LYS A 127 -24.87 5.30 1.47
C LYS A 127 -23.65 4.77 0.73
N MET A 128 -23.35 3.49 0.92
CA MET A 128 -22.24 2.87 0.20
C MET A 128 -22.50 2.90 -1.31
N LYS A 129 -23.75 2.66 -1.71
CA LYS A 129 -24.10 2.74 -3.13
C LYS A 129 -23.89 4.14 -3.68
N GLY A 130 -24.27 5.16 -2.91
CA GLY A 130 -23.99 6.53 -3.32
C GLY A 130 -22.51 6.85 -3.34
N ASP A 131 -21.75 6.28 -2.40
CA ASP A 131 -20.32 6.51 -2.33
C ASP A 131 -19.62 6.01 -3.59
N TYR A 132 -19.91 4.78 -4.00
CA TYR A 132 -19.17 4.20 -5.12
C TYR A 132 -19.63 4.72 -6.47
N TYR A 133 -20.89 5.15 -6.58
CA TYR A 133 -21.29 5.90 -7.77
C TYR A 133 -20.57 7.24 -7.82
N ARG A 134 -20.35 7.88 -6.65
CA ARG A 134 -19.62 9.14 -6.61
C ARG A 134 -18.17 8.94 -7.05
N TYR A 135 -17.55 7.84 -6.64
CA TYR A 135 -16.18 7.55 -7.10
C TYR A 135 -16.15 7.33 -8.61
N LEU A 136 -17.22 6.74 -9.16
CA LEU A 136 -17.33 6.67 -10.61
C LEU A 136 -17.46 8.06 -11.23
N ALA A 137 -18.28 8.92 -10.61
CA ALA A 137 -18.48 10.28 -11.10
C ALA A 137 -17.19 11.09 -11.05
N GLU A 138 -16.27 10.74 -10.14
CA GLU A 138 -15.02 11.48 -10.05
C GLU A 138 -14.16 11.35 -11.30
N VAL A 139 -14.34 10.26 -12.06
CA VAL A 139 -13.51 10.00 -13.23
C VAL A 139 -14.29 10.02 -14.53
N ALA A 140 -15.62 10.04 -14.47
CA ALA A 140 -16.45 9.90 -15.65
C ALA A 140 -16.59 11.23 -16.38
N SER A 141 -17.09 11.16 -17.61
CA SER A 141 -17.33 12.35 -18.40
C SER A 141 -18.42 12.03 -19.42
N GLY A 142 -18.96 13.10 -20.01
CA GLY A 142 -20.00 12.93 -21.01
C GLY A 142 -21.30 12.43 -20.39
N GLU A 143 -22.07 11.69 -21.20
CA GLU A 143 -23.33 11.13 -20.72
C GLU A 143 -23.10 10.08 -19.64
N LYS A 144 -21.93 9.44 -19.63
CA LYS A 144 -21.63 8.47 -18.59
C LYS A 144 -21.60 9.14 -17.22
N LYS A 145 -21.02 10.34 -17.14
CA LYS A 145 -20.97 11.04 -15.87
C LYS A 145 -22.37 11.37 -15.36
N ASN A 146 -23.27 11.78 -16.26
CA ASN A 146 -24.61 12.17 -15.83
C ASN A 146 -25.34 11.01 -15.15
N SER A 147 -25.23 9.81 -15.70
CA SER A 147 -25.98 8.67 -15.14
C SER A 147 -25.47 8.30 -13.76
N VAL A 148 -24.15 8.26 -13.57
CA VAL A 148 -23.61 7.92 -12.25
C VAL A 148 -23.83 9.04 -11.26
N VAL A 149 -23.80 10.30 -11.72
CA VAL A 149 -24.10 11.42 -10.83
C VAL A 149 -25.54 11.32 -10.33
N GLU A 150 -26.47 11.04 -11.24
CA GLU A 150 -27.87 10.85 -10.84
C GLU A 150 -28.04 9.64 -9.94
N ALA A 151 -27.34 8.54 -10.27
CA ALA A 151 -27.43 7.34 -9.44
C ALA A 151 -26.91 7.59 -8.04
N SER A 152 -25.79 8.31 -7.92
CA SER A 152 -25.22 8.60 -6.60
C SER A 152 -26.17 9.44 -5.77
N GLU A 153 -26.73 10.49 -6.36
CA GLU A 153 -27.64 11.36 -5.63
C GLU A 153 -28.89 10.60 -5.19
N ALA A 154 -29.42 9.75 -6.07
CA ALA A 154 -30.64 9.01 -5.75
C ALA A 154 -30.40 8.03 -4.60
N ALA A 155 -29.25 7.36 -4.59
CA ALA A 155 -28.93 6.48 -3.47
C ALA A 155 -28.76 7.28 -2.19
N TYR A 156 -28.05 8.40 -2.25
CA TYR A 156 -27.84 9.23 -1.07
C TYR A 156 -29.17 9.75 -0.54
N LYS A 157 -30.05 10.19 -1.45
CA LYS A 157 -31.32 10.79 -1.02
C LYS A 157 -32.17 9.78 -0.25
N GLU A 158 -32.36 8.58 -0.81
CA GLU A 158 -33.16 7.57 -0.13
C GLU A 158 -32.56 7.17 1.21
N ALA A 159 -31.23 7.01 1.26
CA ALA A 159 -30.58 6.70 2.52
C ALA A 159 -30.82 7.79 3.55
N PHE A 160 -30.71 9.05 3.14
CA PHE A 160 -30.81 10.15 4.09
C PHE A 160 -32.24 10.30 4.60
N GLU A 161 -33.22 10.05 3.74
CA GLU A 161 -34.62 10.09 4.19
C GLU A 161 -34.89 9.03 5.23
N ILE A 162 -34.39 7.81 5.02
CA ILE A 162 -34.57 6.75 6.01
C ILE A 162 -33.83 7.09 7.30
N SER A 163 -32.60 7.62 7.19
CA SER A 163 -31.80 7.90 8.38
C SER A 163 -32.44 8.99 9.23
N LYS A 164 -33.00 10.02 8.59
CA LYS A 164 -33.64 11.09 9.35
C LYS A 164 -34.86 10.57 10.10
N GLU A 165 -35.63 9.67 9.47
CA GLU A 165 -36.82 9.14 10.11
C GLU A 165 -36.54 7.99 11.08
N GLN A 166 -35.36 7.38 11.03
CA GLN A 166 -35.09 6.19 11.84
C GLN A 166 -33.87 6.29 12.74
N MET A 167 -33.01 7.28 12.58
CA MET A 167 -31.78 7.34 13.36
C MET A 167 -31.68 8.70 14.04
N GLN A 168 -31.13 8.69 15.26
CA GLN A 168 -30.88 9.93 15.98
C GLN A 168 -29.78 10.72 15.28
N PRO A 169 -29.79 12.05 15.41
CA PRO A 169 -28.81 12.88 14.67
C PRO A 169 -27.37 12.55 14.99
N THR A 170 -27.09 12.00 16.17
CA THR A 170 -25.73 11.68 16.58
C THR A 170 -25.26 10.31 16.10
N HIS A 171 -26.10 9.58 15.38
CA HIS A 171 -25.71 8.25 14.90
C HIS A 171 -24.57 8.37 13.90
N PRO A 172 -23.46 7.65 14.10
CA PRO A 172 -22.33 7.77 13.17
C PRO A 172 -22.68 7.45 11.72
N ILE A 173 -23.57 6.48 11.49
CA ILE A 173 -23.95 6.15 10.11
C ILE A 173 -24.68 7.32 9.47
N ARG A 174 -25.62 7.91 10.20
CA ARG A 174 -26.31 9.09 9.69
C ARG A 174 -25.34 10.26 9.52
N LEU A 175 -24.46 10.47 10.50
CA LEU A 175 -23.49 11.56 10.41
C LEU A 175 -22.53 11.34 9.25
N GLY A 176 -22.08 10.10 9.04
CA GLY A 176 -21.21 9.82 7.92
C GLY A 176 -21.91 9.96 6.58
N LEU A 177 -23.18 9.58 6.53
CA LEU A 177 -23.97 9.76 5.32
C LEU A 177 -24.12 11.23 4.97
N ALA A 178 -24.46 12.06 5.98
CA ALA A 178 -24.60 13.49 5.73
C ALA A 178 -23.28 14.10 5.26
N LEU A 179 -22.18 13.66 5.85
CA LEU A 179 -20.87 14.18 5.46
C LEU A 179 -20.58 13.84 4.00
N ASN A 180 -20.73 12.57 3.63
CA ASN A 180 -20.43 12.15 2.27
C ASN A 180 -21.38 12.78 1.27
N PHE A 181 -22.65 12.93 1.66
CA PHE A 181 -23.63 13.50 0.74
C PHE A 181 -23.37 14.99 0.52
N SER A 182 -22.94 15.71 1.56
CA SER A 182 -22.57 17.11 1.37
C SER A 182 -21.31 17.22 0.52
N VAL A 183 -20.37 16.27 0.67
CA VAL A 183 -19.19 16.23 -0.20
C VAL A 183 -19.62 16.00 -1.65
N PHE A 184 -20.65 15.19 -1.86
CA PHE A 184 -21.15 14.95 -3.20
C PHE A 184 -21.64 16.24 -3.84
N TYR A 185 -22.38 17.05 -3.09
CA TYR A 185 -22.87 18.32 -3.62
C TYR A 185 -21.73 19.27 -3.94
N TYR A 186 -20.74 19.38 -3.05
CA TYR A 186 -19.65 20.32 -3.24
C TYR A 186 -18.73 19.88 -4.38
N GLU A 187 -18.29 18.62 -4.37
CA GLU A 187 -17.26 18.18 -5.31
C GLU A 187 -17.82 17.71 -6.64
N ILE A 188 -18.94 17.00 -6.63
CA ILE A 188 -19.46 16.41 -7.86
C ILE A 188 -20.43 17.36 -8.56
N GLN A 189 -21.36 17.95 -7.80
CA GLN A 189 -22.35 18.83 -8.40
C GLN A 189 -21.91 20.29 -8.46
N ASN A 190 -20.77 20.63 -7.86
CA ASN A 190 -20.30 22.02 -7.78
C ASN A 190 -21.40 22.92 -7.24
N ALA A 191 -21.97 22.51 -6.10
CA ALA A 191 -23.09 23.20 -5.47
C ALA A 191 -22.70 23.55 -4.04
N PRO A 192 -21.84 24.56 -3.86
CA PRO A 192 -21.33 24.86 -2.51
C PRO A 192 -22.42 25.21 -1.51
N GLU A 193 -23.42 25.99 -1.91
CA GLU A 193 -24.45 26.41 -0.96
C GLU A 193 -25.25 25.20 -0.47
N GLN A 194 -25.63 24.31 -1.38
CA GLN A 194 -26.34 23.10 -1.00
C GLN A 194 -25.48 22.24 -0.07
N ALA A 195 -24.19 22.13 -0.37
CA ALA A 195 -23.29 21.35 0.47
C ALA A 195 -23.21 21.93 1.88
N CYS A 196 -23.09 23.26 1.98
CA CYS A 196 -22.93 23.89 3.29
C CYS A 196 -24.18 23.75 4.14
N LEU A 197 -25.36 23.92 3.54
CA LEU A 197 -26.60 23.74 4.29
C LEU A 197 -26.73 22.33 4.85
N LEU A 198 -26.42 21.32 4.05
CA LEU A 198 -26.58 19.95 4.52
C LEU A 198 -25.64 19.68 5.67
N ALA A 199 -24.35 20.00 5.50
CA ALA A 199 -23.37 19.74 6.56
C ALA A 199 -23.68 20.53 7.82
N LYS A 200 -24.04 21.82 7.68
CA LYS A 200 -24.37 22.65 8.83
C LYS A 200 -25.56 22.10 9.59
N GLN A 201 -26.62 21.71 8.87
CA GLN A 201 -27.79 21.15 9.52
C GLN A 201 -27.44 19.87 10.27
N ALA A 202 -26.63 19.00 9.64
CA ALA A 202 -26.26 17.75 10.29
C ALA A 202 -25.43 18.00 11.55
N PHE A 203 -24.48 18.94 11.46
CA PHE A 203 -23.70 19.29 12.64
C PHE A 203 -24.58 19.88 13.74
N ASP A 204 -25.51 20.76 13.37
CA ASP A 204 -26.34 21.39 14.39
C ASP A 204 -27.28 20.38 15.05
N ASP A 205 -27.88 19.49 14.26
CA ASP A 205 -28.77 18.48 14.84
C ASP A 205 -28.02 17.56 15.79
N ALA A 206 -26.79 17.20 15.44
CA ALA A 206 -26.02 16.29 16.29
C ALA A 206 -25.54 16.98 17.56
N ILE A 207 -24.99 18.20 17.43
CA ILE A 207 -24.39 18.88 18.57
C ILE A 207 -25.42 19.22 19.63
N ALA A 208 -26.69 19.36 19.25
CA ALA A 208 -27.75 19.60 20.22
C ALA A 208 -27.95 18.42 21.17
N GLU A 209 -27.51 17.22 20.78
CA GLU A 209 -27.77 16.02 21.57
C GLU A 209 -26.49 15.27 21.97
N LEU A 210 -25.32 15.90 21.82
CA LEU A 210 -24.08 15.25 22.24
C LEU A 210 -24.04 14.97 23.74
N ASP A 211 -24.65 15.85 24.54
CA ASP A 211 -24.52 15.77 25.99
C ASP A 211 -25.18 14.53 26.59
N THR A 212 -26.06 13.87 25.85
CA THR A 212 -26.68 12.63 26.32
C THR A 212 -25.85 11.39 26.02
N LEU A 213 -24.84 11.50 25.18
CA LEU A 213 -24.07 10.33 24.75
C LEU A 213 -23.10 9.89 25.82
N ASN A 214 -22.78 8.59 25.82
CA ASN A 214 -21.74 8.07 26.68
C ASN A 214 -20.36 8.38 26.08
N GLU A 215 -19.31 8.03 26.82
CA GLU A 215 -17.96 8.37 26.42
C GLU A 215 -17.61 7.79 25.05
N ASP A 216 -17.97 6.52 24.81
CA ASP A 216 -17.60 5.87 23.55
C ASP A 216 -18.41 6.41 22.38
N SER A 217 -19.72 6.57 22.56
CA SER A 217 -20.55 7.14 21.51
C SER A 217 -20.16 8.57 21.20
N TYR A 218 -19.76 9.32 22.23
CA TYR A 218 -19.31 10.70 22.02
C TYR A 218 -18.10 10.75 21.10
N LYS A 219 -17.13 9.86 21.32
CA LYS A 219 -15.93 9.86 20.48
C LYS A 219 -16.27 9.52 19.04
N ASP A 220 -17.17 8.55 18.82
CA ASP A 220 -17.53 8.17 17.46
C ASP A 220 -18.28 9.28 16.75
N SER A 221 -19.20 9.95 17.44
CA SER A 221 -19.99 10.99 16.79
C SER A 221 -19.16 12.24 16.51
N THR A 222 -18.37 12.69 17.50
CA THR A 222 -17.63 13.95 17.34
C THR A 222 -16.54 13.82 16.28
N LEU A 223 -16.02 12.62 16.07
CA LEU A 223 -14.98 12.46 15.05
C LEU A 223 -15.53 12.74 13.66
N ILE A 224 -16.75 12.29 13.36
CA ILE A 224 -17.39 12.64 12.10
C ILE A 224 -17.80 14.12 12.10
N MET A 225 -18.25 14.62 13.24
CA MET A 225 -18.68 16.01 13.33
C MET A 225 -17.52 16.97 13.09
N GLN A 226 -16.33 16.62 13.55
CA GLN A 226 -15.15 17.44 13.27
C GLN A 226 -14.90 17.52 11.77
N LEU A 227 -15.13 16.43 11.05
CA LEU A 227 -14.95 16.46 9.60
C LEU A 227 -15.98 17.36 8.93
N LEU A 228 -17.23 17.34 9.42
CA LEU A 228 -18.22 18.30 8.92
C LEU A 228 -17.77 19.73 9.18
N ARG A 229 -17.23 19.98 10.38
CA ARG A 229 -16.74 21.31 10.71
C ARG A 229 -15.57 21.72 9.83
N ASP A 230 -14.62 20.80 9.60
CA ASP A 230 -13.47 21.14 8.77
C ASP A 230 -13.89 21.40 7.33
N ASN A 231 -14.87 20.65 6.83
CA ASN A 231 -15.38 20.91 5.48
C ASN A 231 -16.04 22.29 5.40
N LEU A 232 -16.83 22.65 6.42
CA LEU A 232 -17.51 23.94 6.41
C LEU A 232 -16.49 25.08 6.39
N THR A 233 -15.42 24.96 7.17
CA THR A 233 -14.40 26.00 7.18
C THR A 233 -13.76 26.14 5.80
N LEU A 234 -13.51 25.03 5.13
CA LEU A 234 -12.83 25.06 3.84
C LEU A 234 -13.74 25.50 2.70
N TRP A 235 -15.05 25.33 2.84
CA TRP A 235 -15.98 25.66 1.79
C TRP A 235 -16.37 27.14 1.76
N THR A 236 -16.00 27.91 2.77
CA THR A 236 -16.04 29.38 2.80
C THR A 236 -15.10 29.93 3.87
N GLY B 4 8.05 -1.16 -28.72
CA GLY B 4 9.28 -1.28 -27.96
C GLY B 4 10.15 -0.03 -28.04
N ASP B 5 10.41 0.58 -26.89
CA ASP B 5 11.23 1.77 -26.81
C ASP B 5 11.69 1.96 -25.37
N ARG B 6 13.00 2.10 -25.17
CA ARG B 6 13.57 2.20 -23.83
C ARG B 6 13.05 3.44 -23.10
N GLU B 7 12.99 4.57 -23.79
CA GLU B 7 12.56 5.81 -23.13
C GLU B 7 11.12 5.72 -22.65
N GLN B 8 10.25 5.06 -23.43
CA GLN B 8 8.85 4.93 -23.01
C GLN B 8 8.73 4.08 -21.76
N LEU B 9 9.53 3.02 -21.65
CA LEU B 9 9.51 2.18 -20.45
C LEU B 9 9.96 2.97 -19.22
N LEU B 10 11.02 3.77 -19.36
CA LEU B 10 11.51 4.57 -18.24
C LEU B 10 10.48 5.60 -17.80
N GLN B 11 9.76 6.19 -18.75
CA GLN B 11 8.69 7.12 -18.39
C GLN B 11 7.58 6.41 -17.62
N ARG B 12 7.21 5.21 -18.06
CA ARG B 12 6.20 4.44 -17.35
C ARG B 12 6.67 4.10 -15.94
N ALA B 13 7.95 3.77 -15.79
CA ALA B 13 8.49 3.53 -14.46
C ALA B 13 8.37 4.78 -13.58
N ARG B 14 8.66 5.95 -14.15
CA ARG B 14 8.56 7.18 -13.37
C ARG B 14 7.12 7.53 -13.07
N LEU B 15 6.21 7.29 -14.01
CA LEU B 15 4.79 7.52 -13.76
C LEU B 15 4.28 6.61 -12.66
N ALA B 16 4.64 5.32 -12.72
CA ALA B 16 4.18 4.36 -11.73
C ALA B 16 4.70 4.71 -10.35
N GLU B 17 5.96 5.18 -10.26
CA GLU B 17 6.50 5.57 -8.96
C GLU B 17 5.72 6.72 -8.36
N GLN B 18 5.38 7.73 -9.17
CA GLN B 18 4.63 8.86 -8.66
C GLN B 18 3.25 8.44 -8.16
N ALA B 19 2.63 7.48 -8.85
CA ALA B 19 1.35 6.93 -8.43
C ALA B 19 1.49 5.87 -7.35
N GLU B 20 2.72 5.57 -6.90
CA GLU B 20 2.98 4.54 -5.90
C GLU B 20 2.38 3.20 -6.34
N ARG B 21 2.55 2.88 -7.61
CA ARG B 21 2.19 1.58 -8.17
C ARG B 21 3.49 0.88 -8.51
N TYR B 22 4.07 0.22 -7.49
CA TYR B 22 5.44 -0.28 -7.62
C TYR B 22 5.52 -1.59 -8.37
N ASP B 23 4.42 -2.34 -8.47
CA ASP B 23 4.40 -3.51 -9.36
C ASP B 23 4.54 -3.07 -10.81
N ASP B 24 3.79 -2.03 -11.21
CA ASP B 24 3.96 -1.48 -12.54
C ASP B 24 5.36 -0.94 -12.74
N MET B 25 5.90 -0.27 -11.70
CA MET B 25 7.24 0.29 -11.82
C MET B 25 8.29 -0.81 -11.93
N ALA B 26 8.15 -1.88 -11.15
CA ALA B 26 9.09 -3.00 -11.24
C ALA B 26 8.98 -3.71 -12.58
N SER B 27 7.76 -3.89 -13.07
CA SER B 27 7.58 -4.54 -14.36
C SER B 27 8.22 -3.73 -15.48
N ALA B 28 8.07 -2.39 -15.43
CA ALA B 28 8.68 -1.54 -16.45
C ALA B 28 10.20 -1.58 -16.40
N MET B 29 10.77 -1.55 -15.19
CA MET B 29 12.23 -1.59 -15.09
C MET B 29 12.79 -2.99 -15.35
N LYS B 30 11.98 -4.02 -15.12
CA LYS B 30 12.40 -5.35 -15.53
C LYS B 30 12.59 -5.42 -17.04
N ALA B 31 11.66 -4.81 -17.80
CA ALA B 31 11.78 -4.81 -19.26
C ALA B 31 12.97 -3.98 -19.72
N VAL B 32 13.25 -2.86 -19.04
CA VAL B 32 14.41 -2.05 -19.41
C VAL B 32 15.69 -2.85 -19.28
N THR B 33 15.84 -3.56 -18.16
CA THR B 33 17.02 -4.38 -17.95
C THR B 33 17.15 -5.47 -19.02
N GLU B 34 16.01 -6.02 -19.45
CA GLU B 34 16.02 -7.11 -20.41
C GLU B 34 16.37 -6.64 -21.82
N LEU B 35 16.47 -5.34 -22.05
CA LEU B 35 16.95 -4.83 -23.34
C LEU B 35 18.44 -5.07 -23.56
N ASN B 36 19.16 -5.53 -22.53
CA ASN B 36 20.58 -5.86 -22.59
C ASN B 36 21.48 -4.64 -22.78
N GLU B 37 20.98 -3.45 -22.49
CA GLU B 37 21.71 -2.20 -22.49
C GLU B 37 22.05 -1.78 -21.06
N PRO B 38 23.15 -1.07 -20.84
CA PRO B 38 23.55 -0.75 -19.47
C PRO B 38 22.59 0.24 -18.81
N LEU B 39 22.53 0.16 -17.49
CA LEU B 39 21.69 1.03 -16.68
C LEU B 39 22.52 2.20 -16.16
N SER B 40 22.00 3.41 -16.35
CA SER B 40 22.63 4.59 -15.78
C SER B 40 22.39 4.62 -14.26
N ASN B 41 22.95 5.64 -13.61
CA ASN B 41 22.75 5.79 -12.17
C ASN B 41 21.28 5.97 -11.84
N GLU B 42 20.57 6.79 -12.62
CA GLU B 42 19.15 6.96 -12.42
C GLU B 42 18.39 5.66 -12.68
N ASP B 43 18.79 4.93 -13.73
CA ASP B 43 18.14 3.65 -14.03
C ASP B 43 18.33 2.66 -12.89
N ARG B 44 19.55 2.60 -12.32
CA ARG B 44 19.80 1.75 -11.17
C ARG B 44 18.90 2.13 -10.00
N ASN B 45 18.71 3.43 -9.79
CA ASN B 45 17.85 3.88 -8.71
C ASN B 45 16.40 3.46 -8.93
N LEU B 46 15.90 3.64 -10.15
CA LEU B 46 14.51 3.26 -10.45
C LEU B 46 14.30 1.76 -10.24
N LEU B 47 15.25 0.95 -10.71
CA LEU B 47 15.12 -0.50 -10.53
C LEU B 47 15.18 -0.87 -9.06
N SER B 48 16.12 -0.30 -8.32
CA SER B 48 16.27 -0.64 -6.90
C SER B 48 15.06 -0.18 -6.10
N VAL B 49 14.56 1.03 -6.38
CA VAL B 49 13.39 1.55 -5.67
C VAL B 49 12.17 0.67 -5.94
N ALA B 50 11.97 0.28 -7.19
CA ALA B 50 10.78 -0.47 -7.57
C ALA B 50 10.73 -1.81 -6.84
N TYR B 51 11.81 -2.59 -6.92
CA TYR B 51 11.80 -3.93 -6.35
C TYR B 51 11.90 -3.90 -4.84
N LYS B 52 12.59 -2.92 -4.26
CA LYS B 52 12.63 -2.80 -2.81
C LYS B 52 11.23 -2.55 -2.25
N ASN B 53 10.44 -1.71 -2.92
CA ASN B 53 9.06 -1.48 -2.50
C ASN B 53 8.21 -2.73 -2.70
N VAL B 54 8.40 -3.44 -3.82
CA VAL B 54 7.59 -4.61 -4.08
C VAL B 54 7.89 -5.71 -3.08
N VAL B 55 9.18 -6.00 -2.87
CA VAL B 55 9.52 -7.05 -1.91
C VAL B 55 9.25 -6.58 -0.48
N GLY B 56 9.40 -5.28 -0.22
CA GLY B 56 9.18 -4.78 1.13
C GLY B 56 7.76 -4.97 1.60
N ALA B 57 6.79 -4.81 0.69
CA ALA B 57 5.40 -5.10 1.01
C ALA B 57 5.19 -6.57 1.32
N ARG B 58 5.82 -7.46 0.53
CA ARG B 58 5.72 -8.89 0.81
C ARG B 58 6.38 -9.24 2.13
N ARG B 59 7.55 -8.66 2.41
CA ARG B 59 8.26 -8.94 3.66
C ARG B 59 7.43 -8.53 4.87
N SER B 60 6.84 -7.32 4.81
CA SER B 60 6.04 -6.84 5.94
C SER B 60 4.81 -7.71 6.14
N SER B 61 4.12 -8.05 5.05
CA SER B 61 2.96 -8.93 5.14
C SER B 61 3.36 -10.30 5.66
N TRP B 62 4.49 -10.84 5.19
CA TRP B 62 4.94 -12.14 5.65
C TRP B 62 5.21 -12.13 7.16
N ARG B 63 5.87 -11.07 7.66
CA ARG B 63 6.21 -11.00 9.07
C ARG B 63 4.96 -10.99 9.94
N VAL B 64 3.94 -10.24 9.52
CA VAL B 64 2.70 -10.19 10.29
C VAL B 64 2.06 -11.57 10.35
N ILE B 65 1.91 -12.23 9.21
CA ILE B 65 1.23 -13.52 9.18
C ILE B 65 2.06 -14.58 9.88
N SER B 66 3.39 -14.50 9.75
CA SER B 66 4.24 -15.48 10.39
C SER B 66 4.11 -15.43 11.91
N SER B 67 4.03 -14.21 12.46
CA SER B 67 3.89 -14.06 13.90
C SER B 67 2.52 -14.55 14.37
N ILE B 68 1.48 -14.33 13.57
CA ILE B 68 0.16 -14.88 13.90
C ILE B 68 0.20 -16.40 13.82
N GLU B 69 0.96 -16.95 12.88
CA GLU B 69 1.11 -18.40 12.77
C GLU B 69 1.73 -18.99 14.03
N GLN B 70 2.76 -18.34 14.57
CA GLN B 70 3.40 -18.84 15.78
C GLN B 70 2.46 -18.73 16.98
N LYS B 71 1.77 -17.61 17.13
CA LYS B 71 0.82 -17.45 18.22
C LYS B 71 -0.29 -18.50 18.12
N THR B 72 -0.80 -18.75 16.92
CA THR B 72 -1.83 -19.77 16.73
C THR B 72 -1.29 -21.15 17.08
N MET B 73 -0.01 -21.39 16.76
CA MET B 73 0.60 -22.67 17.04
C MET B 73 0.74 -22.90 18.54
N ALA B 74 1.17 -21.86 19.27
CA ALA B 74 1.27 -21.95 20.72
C ALA B 74 -0.08 -22.21 21.37
N ASP B 75 -1.15 -21.59 20.85
CA ASP B 75 -2.48 -21.80 21.39
C ASP B 75 -3.03 -23.18 21.08
N GLY B 76 -2.37 -23.96 20.22
CA GLY B 76 -2.85 -25.28 19.89
C GLY B 76 -4.07 -25.34 18.99
N ASN B 77 -4.39 -24.25 18.28
CA ASN B 77 -5.53 -24.22 17.37
C ASN B 77 -5.09 -24.79 16.02
N GLU B 78 -5.18 -26.11 15.88
CA GLU B 78 -4.69 -26.79 14.68
C GLU B 78 -5.49 -26.40 13.45
N LYS B 79 -6.82 -26.29 13.58
CA LYS B 79 -7.65 -25.97 12.43
C LYS B 79 -7.35 -24.58 11.90
N LYS B 80 -7.26 -23.59 12.79
CA LYS B 80 -6.91 -22.24 12.35
C LYS B 80 -5.49 -22.17 11.82
N LEU B 81 -4.56 -22.92 12.43
CA LEU B 81 -3.16 -22.86 12.04
C LEU B 81 -2.98 -23.26 10.59
N GLU B 82 -3.76 -24.24 10.13
CA GLU B 82 -3.66 -24.66 8.73
C GLU B 82 -4.07 -23.53 7.79
N LYS B 83 -5.06 -22.74 8.19
CA LYS B 83 -5.50 -21.63 7.34
C LYS B 83 -4.52 -20.46 7.40
N VAL B 84 -3.94 -20.19 8.58
CA VAL B 84 -2.93 -19.15 8.68
C VAL B 84 -1.70 -19.55 7.88
N LYS B 85 -1.28 -20.81 7.98
CA LYS B 85 -0.11 -21.28 7.25
C LYS B 85 -0.34 -21.20 5.74
N ALA B 86 -1.55 -21.53 5.28
CA ALA B 86 -1.82 -21.46 3.84
C ALA B 86 -1.64 -20.04 3.32
N TYR B 87 -2.08 -19.04 4.08
CA TYR B 87 -1.88 -17.66 3.67
C TYR B 87 -0.40 -17.27 3.75
N ARG B 88 0.30 -17.70 4.80
CA ARG B 88 1.72 -17.40 4.93
C ARG B 88 2.50 -17.99 3.76
N GLU B 89 2.20 -19.23 3.38
CA GLU B 89 2.86 -19.86 2.23
C GLU B 89 2.53 -19.12 0.94
N LYS B 90 1.27 -18.70 0.78
CA LYS B 90 0.90 -17.94 -0.42
C LYS B 90 1.72 -16.65 -0.53
N ILE B 91 1.80 -15.90 0.56
CA ILE B 91 2.60 -14.68 0.57
C ILE B 91 4.07 -15.01 0.38
N GLU B 92 4.52 -16.12 0.97
CA GLU B 92 5.93 -16.51 0.87
C GLU B 92 6.34 -16.75 -0.59
N LYS B 93 5.49 -17.44 -1.36
CA LYS B 93 5.85 -17.79 -2.74
C LYS B 93 5.95 -16.54 -3.60
N GLU B 94 5.08 -15.56 -3.37
CA GLU B 94 5.18 -14.26 -4.05
C GLU B 94 6.51 -13.59 -3.73
N LEU B 95 6.90 -13.62 -2.45
CA LEU B 95 8.17 -13.01 -2.06
C LEU B 95 9.33 -13.70 -2.77
N GLU B 96 9.31 -15.03 -2.82
CA GLU B 96 10.39 -15.76 -3.47
C GLU B 96 10.42 -15.48 -4.97
N THR B 97 9.24 -15.40 -5.61
CA THR B 97 9.21 -15.07 -7.03
C THR B 97 9.80 -13.70 -7.29
N VAL B 98 9.50 -12.72 -6.43
CA VAL B 98 10.05 -11.39 -6.59
C VAL B 98 11.58 -11.43 -6.48
N CYS B 99 12.09 -12.11 -5.45
CA CYS B 99 13.53 -12.19 -5.27
C CYS B 99 14.18 -12.92 -6.44
N ASN B 100 13.58 -14.02 -6.87
CA ASN B 100 14.14 -14.78 -7.99
C ASN B 100 14.17 -13.96 -9.27
N ASP B 101 13.13 -13.13 -9.49
CA ASP B 101 13.14 -12.24 -10.65
C ASP B 101 14.30 -11.27 -10.59
N VAL B 102 14.54 -10.65 -9.42
CA VAL B 102 15.63 -9.70 -9.28
C VAL B 102 16.97 -10.40 -9.47
N LEU B 103 17.15 -11.55 -8.82
CA LEU B 103 18.40 -12.29 -8.91
C LEU B 103 18.67 -12.72 -10.35
N SER B 104 17.63 -13.13 -11.08
CA SER B 104 17.80 -13.48 -12.47
C SER B 104 18.25 -12.26 -13.28
N LEU B 105 17.66 -11.10 -13.02
CA LEU B 105 18.06 -9.89 -13.73
C LEU B 105 19.53 -9.57 -13.45
N LEU B 106 19.95 -9.73 -12.19
CA LEU B 106 21.32 -9.41 -11.83
C LEU B 106 22.31 -10.37 -12.47
N ASP B 107 22.05 -11.68 -12.36
CA ASP B 107 23.01 -12.67 -12.80
C ASP B 107 23.11 -12.76 -14.32
N LYS B 108 22.11 -12.29 -15.04
CA LYS B 108 22.08 -12.43 -16.50
C LYS B 108 22.29 -11.13 -17.27
N PHE B 109 21.94 -9.99 -16.70
CA PHE B 109 22.08 -8.72 -17.40
C PHE B 109 23.01 -7.75 -16.71
N LEU B 110 22.80 -7.49 -15.41
CA LEU B 110 23.47 -6.38 -14.76
C LEU B 110 24.90 -6.73 -14.36
N ILE B 111 25.07 -7.75 -13.51
CA ILE B 111 26.42 -8.12 -13.10
C ILE B 111 27.22 -8.64 -14.30
N LYS B 112 26.57 -9.42 -15.17
CA LYS B 112 27.29 -10.04 -16.28
C LYS B 112 27.88 -9.00 -17.22
N ASN B 113 27.13 -7.92 -17.50
CA ASN B 113 27.56 -6.93 -18.48
C ASN B 113 28.49 -5.87 -17.90
N CYS B 114 28.80 -5.92 -16.60
CA CYS B 114 29.74 -4.96 -16.03
C CYS B 114 31.16 -5.22 -16.52
N ASN B 115 31.84 -4.16 -16.91
CA ASN B 115 33.25 -4.27 -17.25
C ASN B 115 34.08 -4.37 -15.98
N ASP B 116 35.37 -4.72 -16.16
CA ASP B 116 36.26 -4.81 -15.02
C ASP B 116 36.53 -3.45 -14.39
N PHE B 117 36.21 -2.36 -15.09
CA PHE B 117 36.46 -1.01 -14.60
C PHE B 117 35.19 -0.32 -14.09
N GLN B 118 34.02 -0.94 -14.25
CA GLN B 118 32.76 -0.34 -13.79
C GLN B 118 32.52 -0.72 -12.32
N TYR B 119 33.39 -0.19 -11.46
CA TYR B 119 33.41 -0.60 -10.06
C TYR B 119 32.12 -0.18 -9.33
N GLU B 120 31.63 1.03 -9.59
CA GLU B 120 30.44 1.49 -8.88
C GLU B 120 29.23 0.62 -9.18
N SER B 121 29.03 0.27 -10.46
CA SER B 121 27.93 -0.61 -10.81
C SER B 121 28.11 -1.99 -10.20
N LYS B 122 29.34 -2.51 -10.23
CA LYS B 122 29.60 -3.85 -9.72
C LYS B 122 29.33 -3.94 -8.22
N VAL B 123 29.74 -2.92 -7.46
CA VAL B 123 29.44 -2.91 -6.03
C VAL B 123 27.93 -2.81 -5.80
N PHE B 124 27.26 -1.94 -6.56
CA PHE B 124 25.82 -1.77 -6.42
C PHE B 124 25.08 -3.08 -6.68
N TYR B 125 25.44 -3.78 -7.75
CA TYR B 125 24.71 -4.99 -8.13
C TYR B 125 25.03 -6.15 -7.19
N LEU B 126 26.29 -6.30 -6.81
CA LEU B 126 26.67 -7.38 -5.90
C LEU B 126 26.03 -7.20 -4.53
N LYS B 127 25.95 -5.95 -4.06
CA LYS B 127 25.23 -5.67 -2.82
C LYS B 127 23.75 -6.00 -2.97
N MET B 128 23.16 -5.62 -4.11
CA MET B 128 21.76 -5.95 -4.37
C MET B 128 21.55 -7.45 -4.38
N LYS B 129 22.50 -8.21 -4.94
CA LYS B 129 22.38 -9.66 -4.94
C LYS B 129 22.42 -10.22 -3.53
N GLY B 130 23.28 -9.67 -2.67
CA GLY B 130 23.29 -10.11 -1.28
C GLY B 130 22.00 -9.79 -0.56
N ASP B 131 21.40 -8.62 -0.86
CA ASP B 131 20.16 -8.22 -0.22
C ASP B 131 19.03 -9.21 -0.53
N TYR B 132 18.84 -9.53 -1.81
CA TYR B 132 17.70 -10.35 -2.17
C TYR B 132 17.92 -11.82 -1.81
N TYR B 133 19.17 -12.28 -1.75
CA TYR B 133 19.42 -13.58 -1.14
C TYR B 133 19.16 -13.55 0.36
N ARG B 134 19.45 -12.42 1.01
CA ARG B 134 19.11 -12.27 2.43
C ARG B 134 17.60 -12.29 2.65
N TYR B 135 16.84 -11.64 1.76
CA TYR B 135 15.39 -11.66 1.91
C TYR B 135 14.84 -13.07 1.74
N LEU B 136 15.44 -13.85 0.84
CA LEU B 136 15.08 -15.27 0.73
C LEU B 136 15.44 -16.01 2.01
N ALA B 137 16.60 -15.70 2.60
CA ALA B 137 17.02 -16.38 3.81
C ALA B 137 16.09 -16.07 4.98
N GLU B 138 15.44 -14.91 4.97
CA GLU B 138 14.55 -14.53 6.06
C GLU B 138 13.36 -15.48 6.18
N VAL B 139 12.91 -16.06 5.06
CA VAL B 139 11.72 -16.89 5.05
C VAL B 139 12.03 -18.37 4.89
N ALA B 140 13.30 -18.75 4.86
CA ALA B 140 13.71 -20.13 4.68
C ALA B 140 14.35 -20.68 5.95
N SER B 141 14.44 -22.00 6.02
CA SER B 141 15.08 -22.69 7.12
C SER B 141 15.80 -23.92 6.59
N GLY B 142 16.68 -24.47 7.43
CA GLY B 142 17.36 -25.71 7.09
C GLY B 142 18.31 -25.56 5.92
N GLU B 143 18.43 -26.65 5.15
CA GLU B 143 19.35 -26.65 4.01
C GLU B 143 18.95 -25.61 2.97
N LYS B 144 17.65 -25.36 2.81
CA LYS B 144 17.21 -24.32 1.88
C LYS B 144 17.74 -22.95 2.31
N LYS B 145 17.69 -22.65 3.62
CA LYS B 145 18.23 -21.39 4.11
C LYS B 145 19.74 -21.32 3.91
N ASN B 146 20.46 -22.41 4.24
CA ASN B 146 21.91 -22.38 4.12
C ASN B 146 22.36 -22.10 2.70
N SER B 147 21.60 -22.59 1.71
CA SER B 147 21.97 -22.33 0.32
C SER B 147 21.96 -20.83 0.01
N VAL B 148 20.86 -20.15 0.35
CA VAL B 148 20.79 -18.72 0.04
C VAL B 148 21.66 -17.92 1.00
N VAL B 149 21.85 -18.41 2.23
CA VAL B 149 22.73 -17.72 3.17
C VAL B 149 24.15 -17.68 2.62
N GLU B 150 24.64 -18.81 2.13
CA GLU B 150 25.98 -18.86 1.55
C GLU B 150 26.07 -17.96 0.33
N ALA B 151 25.03 -17.97 -0.51
CA ALA B 151 25.02 -17.11 -1.69
C ALA B 151 24.97 -15.63 -1.28
N SER B 152 24.23 -15.31 -0.23
CA SER B 152 24.18 -13.92 0.23
C SER B 152 25.54 -13.45 0.69
N GLU B 153 26.22 -14.24 1.52
CA GLU B 153 27.53 -13.83 2.04
C GLU B 153 28.54 -13.66 0.92
N ALA B 154 28.52 -14.57 -0.06
CA ALA B 154 29.48 -14.50 -1.15
C ALA B 154 29.32 -13.21 -1.95
N ALA B 155 28.09 -12.83 -2.26
CA ALA B 155 27.86 -11.59 -3.01
C ALA B 155 28.31 -10.39 -2.18
N TYR B 156 27.97 -10.37 -0.90
CA TYR B 156 28.32 -9.24 -0.03
C TYR B 156 29.83 -9.06 0.08
N LYS B 157 30.56 -10.15 0.26
CA LYS B 157 32.00 -10.05 0.49
C LYS B 157 32.75 -9.55 -0.76
N GLU B 158 32.41 -10.08 -1.94
CA GLU B 158 33.04 -9.56 -3.16
C GLU B 158 32.72 -8.08 -3.35
N ALA B 159 31.47 -7.68 -3.08
CA ALA B 159 31.14 -6.26 -3.15
C ALA B 159 31.97 -5.45 -2.14
N PHE B 160 32.10 -5.96 -0.92
CA PHE B 160 32.83 -5.23 0.11
C PHE B 160 34.31 -5.10 -0.25
N GLU B 161 34.90 -6.17 -0.78
CA GLU B 161 36.31 -6.12 -1.17
C GLU B 161 36.54 -5.10 -2.28
N ILE B 162 35.63 -5.06 -3.27
CA ILE B 162 35.76 -4.07 -4.33
C ILE B 162 35.57 -2.66 -3.77
N SER B 163 34.59 -2.48 -2.89
CA SER B 163 34.31 -1.14 -2.36
C SER B 163 35.47 -0.63 -1.50
N LYS B 164 36.08 -1.52 -0.71
CA LYS B 164 37.21 -1.10 0.12
C LYS B 164 38.38 -0.64 -0.75
N GLU B 165 38.62 -1.34 -1.86
CA GLU B 165 39.73 -0.98 -2.75
C GLU B 165 39.43 0.24 -3.61
N GLN B 166 38.17 0.46 -3.98
CA GLN B 166 37.83 1.46 -4.98
C GLN B 166 37.01 2.64 -4.46
N MET B 167 36.45 2.55 -3.26
CA MET B 167 35.53 3.56 -2.76
C MET B 167 36.01 4.13 -1.43
N GLN B 168 35.72 5.41 -1.22
CA GLN B 168 36.05 6.05 0.03
C GLN B 168 35.15 5.51 1.15
N PRO B 169 35.62 5.55 2.40
CA PRO B 169 34.79 5.05 3.52
C PRO B 169 33.47 5.78 3.70
N THR B 170 33.34 7.00 3.19
CA THR B 170 32.09 7.76 3.28
C THR B 170 31.27 7.69 2.00
N HIS B 171 31.62 6.82 1.07
CA HIS B 171 30.78 6.62 -0.10
C HIS B 171 29.44 6.04 0.33
N PRO B 172 28.31 6.64 -0.06
CA PRO B 172 27.02 6.11 0.39
C PRO B 172 26.77 4.67 -0.03
N ILE B 173 27.24 4.28 -1.22
CA ILE B 173 27.09 2.89 -1.65
C ILE B 173 27.88 1.96 -0.75
N ARG B 174 29.13 2.33 -0.44
CA ARG B 174 29.95 1.51 0.45
C ARG B 174 29.36 1.47 1.85
N LEU B 175 28.87 2.61 2.34
CA LEU B 175 28.27 2.64 3.67
C LEU B 175 27.01 1.78 3.73
N GLY B 176 26.16 1.88 2.70
CA GLY B 176 24.96 1.05 2.67
C GLY B 176 25.29 -0.43 2.61
N LEU B 177 26.31 -0.79 1.85
CA LEU B 177 26.73 -2.18 1.77
C LEU B 177 27.22 -2.69 3.12
N ALA B 178 28.03 -1.89 3.82
CA ALA B 178 28.50 -2.29 5.14
C ALA B 178 27.34 -2.41 6.11
N LEU B 179 26.38 -1.47 6.04
CA LEU B 179 25.21 -1.54 6.90
C LEU B 179 24.45 -2.85 6.70
N ASN B 180 24.16 -3.18 5.45
CA ASN B 180 23.37 -4.39 5.16
C ASN B 180 24.17 -5.65 5.43
N PHE B 181 25.48 -5.62 5.13
CA PHE B 181 26.31 -6.80 5.38
C PHE B 181 26.38 -7.09 6.88
N SER B 182 26.49 -6.05 7.70
CA SER B 182 26.45 -6.26 9.15
C SER B 182 25.10 -6.77 9.60
N VAL B 183 24.02 -6.27 8.99
CA VAL B 183 22.68 -6.77 9.31
C VAL B 183 22.59 -8.26 8.99
N PHE B 184 23.20 -8.67 7.88
CA PHE B 184 23.20 -10.08 7.50
C PHE B 184 23.85 -10.94 8.57
N TYR B 185 24.99 -10.49 9.10
CA TYR B 185 25.67 -11.27 10.14
C TYR B 185 24.83 -11.38 11.41
N TYR B 186 24.18 -10.29 11.80
CA TYR B 186 23.42 -10.29 13.05
C TYR B 186 22.12 -11.07 12.90
N GLU B 187 21.25 -10.62 12.00
CA GLU B 187 19.89 -11.17 11.95
C GLU B 187 19.87 -12.56 11.31
N ILE B 188 20.60 -12.75 10.21
CA ILE B 188 20.42 -13.96 9.41
C ILE B 188 21.24 -15.11 9.96
N GLN B 189 22.51 -14.87 10.27
CA GLN B 189 23.42 -15.95 10.61
C GLN B 189 23.92 -15.91 12.04
N ASN B 190 23.29 -15.10 12.90
CA ASN B 190 23.51 -15.12 14.35
C ASN B 190 24.99 -15.02 14.70
N ALA B 191 25.61 -13.95 14.22
CA ALA B 191 27.00 -13.62 14.53
C ALA B 191 27.05 -12.16 14.99
N PRO B 192 26.48 -11.87 16.15
CA PRO B 192 26.45 -10.46 16.60
C PRO B 192 27.82 -9.83 16.77
N GLU B 193 28.81 -10.61 17.25
CA GLU B 193 30.15 -10.07 17.37
C GLU B 193 30.74 -9.73 16.02
N GLN B 194 30.57 -10.62 15.04
CA GLN B 194 31.02 -10.33 13.68
C GLN B 194 30.26 -9.16 13.10
N ALA B 195 28.95 -9.07 13.37
CA ALA B 195 28.17 -7.93 12.90
C ALA B 195 28.60 -6.64 13.57
N CYS B 196 28.82 -6.68 14.89
CA CYS B 196 29.25 -5.47 15.60
C CYS B 196 30.62 -5.03 15.12
N LEU B 197 31.53 -5.98 14.89
CA LEU B 197 32.87 -5.63 14.43
C LEU B 197 32.83 -4.95 13.06
N LEU B 198 31.97 -5.44 12.15
CA LEU B 198 31.92 -4.86 10.81
C LEU B 198 31.26 -3.49 10.82
N ALA B 199 30.14 -3.36 11.52
CA ALA B 199 29.49 -2.06 11.59
C ALA B 199 30.44 -1.02 12.21
N LYS B 200 31.23 -1.43 13.20
CA LYS B 200 32.12 -0.48 13.88
C LYS B 200 33.29 -0.07 13.00
N GLN B 201 33.78 -1.01 12.21
CA GLN B 201 34.84 -0.73 11.26
C GLN B 201 34.43 0.34 10.25
N ALA B 202 33.26 0.19 9.62
CA ALA B 202 32.82 1.13 8.60
C ALA B 202 32.48 2.48 9.19
N PHE B 203 31.87 2.51 10.38
CA PHE B 203 31.54 3.79 11.00
C PHE B 203 32.79 4.56 11.38
N ASP B 204 33.74 3.89 12.04
CA ASP B 204 34.97 4.56 12.45
C ASP B 204 35.77 5.02 11.23
N ASP B 205 35.83 4.20 10.18
CA ASP B 205 36.53 4.60 8.96
C ASP B 205 35.85 5.79 8.30
N ALA B 206 34.53 5.90 8.44
CA ALA B 206 33.83 7.04 7.84
C ALA B 206 34.07 8.33 8.62
N ILE B 207 34.10 8.24 9.95
CA ILE B 207 34.35 9.42 10.77
C ILE B 207 35.74 9.98 10.51
N ALA B 208 36.73 9.09 10.43
CA ALA B 208 38.12 9.53 10.26
C ALA B 208 38.31 10.36 9.00
N GLU B 209 37.45 10.18 7.99
CA GLU B 209 37.51 10.94 6.75
C GLU B 209 36.23 11.74 6.55
N LEU B 210 35.63 12.20 7.65
CA LEU B 210 34.40 12.98 7.57
C LEU B 210 34.60 14.32 6.87
N ASP B 211 35.84 14.76 6.67
CA ASP B 211 36.13 16.01 5.96
C ASP B 211 36.07 15.77 4.45
N THR B 212 34.86 15.58 3.96
CA THR B 212 34.62 15.34 2.54
C THR B 212 33.18 15.71 2.15
N ASP B 216 29.75 16.65 -0.66
CA ASP B 216 28.58 17.30 -1.26
C ASP B 216 27.35 16.41 -1.14
N SER B 217 27.58 15.11 -0.99
CA SER B 217 26.52 14.12 -0.81
C SER B 217 26.35 13.76 0.66
N TYR B 218 26.50 14.75 1.55
CA TYR B 218 26.55 14.49 2.98
C TYR B 218 25.26 13.86 3.49
N LYS B 219 24.11 14.35 3.02
CA LYS B 219 22.83 13.88 3.55
C LYS B 219 22.64 12.39 3.30
N ASP B 220 22.97 11.91 2.10
CA ASP B 220 22.86 10.49 1.82
C ASP B 220 23.81 9.68 2.70
N SER B 221 25.06 10.15 2.84
CA SER B 221 26.03 9.44 3.67
C SER B 221 25.68 9.56 5.15
N THR B 222 25.16 10.71 5.58
CA THR B 222 24.97 10.94 7.01
C THR B 222 23.91 10.01 7.58
N LEU B 223 22.80 9.82 6.87
CA LEU B 223 21.70 9.01 7.40
C LEU B 223 22.14 7.57 7.61
N ILE B 224 22.88 7.00 6.65
CA ILE B 224 23.37 5.64 6.79
C ILE B 224 24.31 5.54 7.99
N MET B 225 25.10 6.57 8.22
CA MET B 225 25.99 6.56 9.37
C MET B 225 25.22 6.54 10.68
N GLN B 226 24.13 7.32 10.75
CA GLN B 226 23.25 7.24 11.92
C GLN B 226 22.67 5.84 12.07
N LEU B 227 22.29 5.22 10.95
CA LEU B 227 21.75 3.86 11.01
C LEU B 227 22.79 2.88 11.53
N LEU B 228 24.05 3.05 11.12
CA LEU B 228 25.11 2.19 11.63
C LEU B 228 25.24 2.33 13.15
N ARG B 229 25.20 3.56 13.66
CA ARG B 229 25.26 3.76 15.11
C ARG B 229 24.02 3.22 15.80
N ASP B 230 22.84 3.44 15.20
CA ASP B 230 21.60 2.98 15.82
C ASP B 230 21.61 1.46 15.97
N ASN B 231 22.05 0.74 14.93
CA ASN B 231 22.14 -0.71 15.03
C ASN B 231 23.16 -1.13 16.08
N LEU B 232 24.30 -0.44 16.15
CA LEU B 232 25.29 -0.75 17.17
C LEU B 232 24.72 -0.55 18.57
N THR B 233 23.93 0.51 18.77
CA THR B 233 23.28 0.71 20.06
C THR B 233 22.30 -0.43 20.39
N LEU B 234 21.52 -0.85 19.39
CA LEU B 234 20.59 -1.96 19.61
C LEU B 234 21.34 -3.25 19.93
N TRP B 235 22.44 -3.51 19.23
CA TRP B 235 23.21 -4.73 19.46
C TRP B 235 24.11 -4.65 20.69
N THR B 236 24.33 -3.45 21.23
CA THR B 236 25.20 -3.21 22.39
C THR B 236 26.49 -4.03 22.37
N LEU C 8 14.08 -4.97 18.57
CA LEU C 8 14.41 -5.84 17.44
C LEU C 8 14.38 -5.06 16.13
N ARG C 9 14.36 -5.78 15.01
CA ARG C 9 14.22 -5.20 13.68
C ARG C 9 15.37 -4.21 13.39
N SER C 10 16.56 -4.79 13.25
CA SER C 10 17.74 -4.03 12.82
C SER C 10 17.44 -3.25 11.54
N CYS C 11 18.11 -2.11 11.38
CA CYS C 11 17.86 -1.23 10.24
C CYS C 11 18.82 -1.50 9.08
N SEP C 12 18.26 -1.54 7.87
CA SEP C 12 19.06 -1.74 6.66
CB SEP C 12 18.52 -2.93 5.85
OG SEP C 12 17.16 -2.75 5.46
C SEP C 12 19.05 -0.47 5.80
O SEP C 12 18.33 0.48 6.11
P SEP C 12 16.61 -4.03 4.62
O1P SEP C 12 15.10 -3.74 4.16
O2P SEP C 12 16.66 -5.35 5.51
O3P SEP C 12 17.53 -4.25 3.32
N VAL C 13 19.85 -0.45 4.74
CA VAL C 13 19.99 0.74 3.92
C VAL C 13 18.67 1.10 3.27
N THR C 14 18.27 2.37 3.40
CA THR C 14 17.00 2.85 2.86
C THR C 14 17.14 3.15 1.37
N ASP C 15 15.99 3.36 0.73
CA ASP C 15 15.91 3.72 -0.68
C ASP C 15 15.39 5.15 -0.82
N ALA C 16 15.52 5.69 -2.03
CA ALA C 16 15.06 7.03 -2.31
C ALA C 16 14.76 7.20 -3.80
N PRO C 114 -7.37 22.18 -1.36
CA PRO C 114 -7.46 20.83 -0.80
C PRO C 114 -8.81 20.16 -1.09
N ARG C 115 -8.81 18.84 -1.22
CA ARG C 115 -10.05 18.11 -1.43
C ARG C 115 -10.86 18.05 -0.14
N SER C 116 -12.17 17.90 -0.28
CA SER C 116 -13.05 17.76 0.87
C SER C 116 -12.79 16.43 1.59
N LEU C 117 -13.02 16.43 2.90
CA LEU C 117 -12.86 15.23 3.70
C LEU C 117 -14.16 14.42 3.74
N SEP C 118 -14.08 13.15 3.37
CA SEP C 118 -15.24 12.26 3.46
CB SEP C 118 -15.40 11.44 2.18
OG SEP C 118 -14.24 10.64 1.97
C SEP C 118 -15.08 11.35 4.68
O SEP C 118 -14.02 11.34 5.32
P SEP C 118 -14.26 9.88 0.56
O1P SEP C 118 -15.53 8.91 0.46
O2P SEP C 118 -12.90 9.01 0.48
O3P SEP C 118 -14.32 10.92 -0.66
N SER C 119 -16.12 10.61 5.01
CA SER C 119 -16.13 9.83 6.24
C SER C 119 -15.12 8.69 6.20
N PRO C 120 -14.36 8.54 7.28
CA PRO C 120 -13.45 7.39 7.38
C PRO C 120 -14.22 6.16 7.81
N THR C 121 -13.89 5.03 7.20
CA THR C 121 -14.50 3.75 7.57
C THR C 121 -13.50 3.05 8.48
N VAL C 122 -13.58 3.37 9.78
CA VAL C 122 -12.70 2.77 10.77
C VAL C 122 -13.04 1.28 10.93
N THR C 123 -12.01 0.46 11.14
CA THR C 123 -12.20 -0.97 11.35
C THR C 123 -12.51 -1.27 12.82
N LEU C 124 -13.26 -2.36 13.02
CA LEU C 124 -13.55 -2.89 14.35
C LEU C 124 -12.69 -4.10 14.68
N SER C 125 -11.54 -4.22 14.03
CA SER C 125 -10.69 -5.39 14.21
C SER C 125 -9.51 -5.10 15.13
#